data_1R6W
#
_entry.id   1R6W
#
_cell.length_a   72.2
_cell.length_b   82.9
_cell.length_c   56.2
_cell.angle_alpha   90.00
_cell.angle_beta   90.00
_cell.angle_gamma   90.00
#
_symmetry.space_group_name_H-M   'P 21 21 2'
#
loop_
_entity.id
_entity.type
_entity.pdbx_description
1 polymer 'o-Succinylbenzoate Synthase'
2 non-polymer 'MAGNESIUM ION'
3 non-polymer '2-(3-CARBOXYPROPIONYL)-6-HYDROXY-CYCLOHEXA-2,4-DIENE CARBOXYLIC ACID'
4 water water
#
_entity_poly.entity_id   1
_entity_poly.type   'polypeptide(L)'
_entity_poly.pdbx_seq_one_letter_code
;SHMRSAQVYRWQIPMDAGVVLRDRRLKTRDGLYVCLREGEREGWGEISPLPGFSQETWEEAQSVLLAWVNNWLAGDCELP
QMPSVAFGVSCALAELTDTLPQAANYRAAPLCNGDPDDLILKLADMPGEKVAKVRVGLYEAVRDGMVVNLLLEAIPDLHL
RLDANRAWTPLKGQQFAKYVNPDYRDRIAFLEEPCKTRDDSRAFARETGIAIAWDESLREPDFAFVAEEGVRAVVIKPTL
TGSLEKVREQVQAAHALGLTAVISSSIESSLGLTQLARIAAWLTPDTIPGLDTLDLMQAQQVRRWPGSTLPVVEVDALER
LL
;
_entity_poly.pdbx_strand_id   A
#
# COMPACT_ATOMS: atom_id res chain seq x y z
N SER A 1 -24.93 27.72 -4.76
CA SER A 1 -23.96 28.18 -3.69
C SER A 1 -22.56 27.62 -3.92
N HIS A 2 -21.59 28.46 -4.29
CA HIS A 2 -20.20 28.02 -4.57
C HIS A 2 -19.32 28.07 -3.32
N MET A 3 -19.96 28.42 -1.92
CA MET A 3 -19.39 28.73 -0.63
C MET A 3 -18.47 27.58 -0.26
N ARG A 4 -17.23 27.90 0.11
CA ARG A 4 -16.28 26.89 0.56
C ARG A 4 -16.16 26.87 2.06
N SER A 5 -16.07 25.67 2.61
CA SER A 5 -15.71 25.47 4.00
C SER A 5 -14.89 24.17 4.11
N ALA A 6 -14.30 23.96 5.26
CA ALA A 6 -13.39 22.84 5.47
C ALA A 6 -13.27 22.49 6.91
N GLN A 7 -12.97 21.24 7.19
CA GLN A 7 -12.63 20.80 8.51
C GLN A 7 -11.43 19.89 8.44
N VAL A 8 -10.61 19.96 9.49
CA VAL A 8 -9.45 19.08 9.63
C VAL A 8 -9.57 18.36 10.96
N TYR A 9 -9.46 17.04 10.93
CA TYR A 9 -9.58 16.20 12.11
C TYR A 9 -8.25 15.53 12.39
N ARG A 10 -7.89 15.45 13.68
CA ARG A 10 -6.70 14.77 14.13
C ARG A 10 -7.14 13.55 14.93
N TRP A 11 -6.43 12.43 14.76
CA TRP A 11 -6.83 11.19 15.40
C TRP A 11 -5.69 10.22 15.66
N GLN A 12 -5.99 9.28 16.56
CA GLN A 12 -5.13 8.17 16.90
C GLN A 12 -5.98 6.90 16.96
N ILE A 13 -5.58 5.88 16.24
CA ILE A 13 -6.26 4.58 16.25
C ILE A 13 -5.36 3.55 16.91
N PRO A 14 -5.80 2.93 18.01
CA PRO A 14 -5.00 1.87 18.60
C PRO A 14 -4.79 0.70 17.64
N MET A 15 -3.55 0.25 17.54
CA MET A 15 -3.21 -0.94 16.81
C MET A 15 -3.40 -2.17 17.67
N ASP A 16 -3.64 -3.30 17.02
CA ASP A 16 -3.56 -4.60 17.70
C ASP A 16 -2.16 -4.77 18.28
N ALA A 17 -2.08 -5.52 19.39
CA ALA A 17 -0.79 -5.86 19.97
C ALA A 17 0.09 -6.61 18.98
N GLY A 18 1.39 -6.28 18.94
CA GLY A 18 2.37 -7.07 18.20
C GLY A 18 2.57 -6.68 16.75
N VAL A 19 1.92 -5.61 16.29
CA VAL A 19 2.11 -5.17 14.91
C VAL A 19 3.54 -4.70 14.78
N VAL A 20 4.23 -5.25 13.78
CA VAL A 20 5.61 -4.92 13.48
C VAL A 20 5.66 -4.33 12.06
N LEU A 21 6.60 -3.41 11.86
CA LEU A 21 6.70 -2.64 10.62
C LEU A 21 8.16 -2.45 10.22
N ASP A 23 10.91 -3.72 11.26
CA ASP A 23 11.90 -3.97 12.31
C ASP A 23 11.54 -3.36 13.67
N ARG A 24 10.40 -2.65 13.73
CA ARG A 24 10.06 -1.78 14.86
C ARG A 24 8.55 -1.86 15.16
N ARG A 25 8.19 -1.73 16.42
CA ARG A 25 6.79 -1.87 16.83
C ARG A 25 5.98 -0.60 16.53
N LEU A 26 4.69 -0.78 16.30
CA LEU A 26 3.73 0.31 16.13
C LEU A 26 2.54 0.16 17.08
N LYS A 27 2.45 1.06 18.06
CA LYS A 27 1.37 1.05 19.06
C LYS A 27 0.05 1.68 18.59
N THR A 28 0.19 2.79 17.90
CA THR A 28 -0.93 3.65 17.56
C THR A 28 -0.72 4.13 16.13
N ARG A 29 -1.80 4.27 15.38
CA ARG A 29 -1.70 4.93 14.07
C ARG A 29 -2.21 6.32 14.26
N ASP A 30 -1.35 7.30 14.03
CA ASP A 30 -1.68 8.70 14.14
C ASP A 30 -1.93 9.29 12.75
N GLY A 31 -2.93 10.13 12.61
CA GLY A 31 -3.19 10.71 11.30
C GLY A 31 -4.18 11.82 11.34
N LEU A 32 -4.59 12.24 10.13
CA LEU A 32 -5.45 13.37 9.93
C LEU A 32 -6.45 13.07 8.82
N TYR A 33 -7.60 13.71 8.91
CA TYR A 33 -8.51 13.84 7.75
C TYR A 33 -8.74 15.28 7.38
N VAL A 34 -8.96 15.50 6.09
CA VAL A 34 -9.50 16.74 5.62
C VAL A 34 -10.88 16.51 5.03
N CYS A 35 -11.80 17.43 5.30
CA CYS A 35 -13.09 17.44 4.62
C CYS A 35 -13.23 18.79 3.96
N LEU A 36 -13.40 18.79 2.64
CA LEU A 36 -13.59 20.02 1.87
C LEU A 36 -15.02 20.10 1.38
N ARG A 37 -15.66 21.27 1.48
CA ARG A 37 -17.06 21.42 1.04
C ARG A 37 -17.16 22.64 0.13
N GLU A 38 -17.88 22.49 -0.98
CA GLU A 38 -18.16 23.60 -1.91
C GLU A 38 -19.62 23.42 -2.38
N GLY A 39 -20.48 24.36 -2.04
CA GLY A 39 -21.91 24.17 -2.23
C GLY A 39 -22.46 22.92 -1.55
N GLU A 40 -23.12 22.08 -2.34
CA GLU A 40 -23.80 20.89 -1.84
C GLU A 40 -22.86 19.68 -1.74
N ARG A 41 -21.61 19.87 -2.15
CA ARG A 41 -20.67 18.77 -2.35
C ARG A 41 -19.64 18.73 -1.25
N GLU A 42 -19.13 17.54 -0.96
CA GLU A 42 -18.00 17.45 -0.09
C GLU A 42 -17.05 16.36 -0.51
N GLY A 43 -15.80 16.51 -0.06
CA GLY A 43 -14.82 15.48 -0.36
C GLY A 43 -13.90 15.31 0.83
N TRP A 44 -13.43 14.08 0.99
CA TRP A 44 -12.59 13.71 2.10
C TRP A 44 -11.29 13.13 1.63
N GLY A 45 -10.30 13.21 2.48
CA GLY A 45 -9.01 12.56 2.28
C GLY A 45 -8.30 12.33 3.58
N GLU A 46 -7.30 11.47 3.51
CA GLU A 46 -6.49 11.06 4.68
C GLU A 46 -5.05 11.50 4.52
N ILE A 47 -4.49 12.09 5.59
CA ILE A 47 -3.12 12.56 5.59
C ILE A 47 -2.47 11.89 6.78
N SER A 48 -1.79 10.80 6.54
CA SER A 48 -1.25 9.97 7.62
C SER A 48 0.16 9.54 7.27
N PRO A 49 1.15 10.39 7.42
CA PRO A 49 2.49 9.91 7.14
C PRO A 49 2.83 8.75 8.07
N LEU A 50 3.62 7.82 7.56
CA LEU A 50 3.95 6.58 8.26
C LEU A 50 5.36 6.66 8.88
N PRO A 51 5.46 6.60 10.21
CA PRO A 51 6.77 6.64 10.88
C PRO A 51 7.74 5.62 10.32
N GLY A 52 8.95 6.09 10.03
CA GLY A 52 9.99 5.26 9.45
C GLY A 52 10.05 5.12 7.95
N PHE A 53 9.01 5.62 7.27
CA PHE A 53 8.86 5.51 5.82
C PHE A 53 8.72 6.92 5.23
N SER A 54 7.74 7.68 5.71
CA SER A 54 7.56 9.08 5.33
C SER A 54 8.70 9.92 5.89
N GLN A 55 9.15 10.90 5.11
CA GLN A 55 10.14 11.86 5.60
C GLN A 55 9.50 12.78 6.64
N GLU A 56 8.26 13.19 6.38
CA GLU A 56 7.52 14.13 7.21
C GLU A 56 6.88 13.42 8.40
N THR A 57 6.78 14.14 9.53
CA THR A 57 6.05 13.68 10.71
C THR A 57 4.57 14.08 10.62
N TRP A 58 3.76 13.44 11.46
CA TRP A 58 2.38 13.79 11.71
C TRP A 58 2.22 15.31 11.92
N GLU A 59 3.08 15.88 12.77
CA GLU A 59 2.94 17.29 13.13
C GLU A 59 3.30 18.22 11.98
N GLU A 60 4.33 17.88 11.20
CA GLU A 60 4.72 18.65 10.03
C GLU A 60 3.62 18.56 8.96
N ALA A 61 2.99 17.41 8.84
CA ALA A 61 1.91 17.26 7.88
C ALA A 61 0.70 18.08 8.26
N GLN A 62 0.40 18.08 9.56
CA GLN A 62 -0.71 18.89 10.08
C GLN A 62 -0.52 20.36 9.75
N SER A 63 0.69 20.86 9.95
CA SER A 63 1.02 22.24 9.62
C SER A 63 0.80 22.57 8.15
N VAL A 64 1.34 21.72 7.29
CA VAL A 64 1.23 21.94 5.87
C VAL A 64 -0.22 21.84 5.41
N LEU A 65 -0.96 20.86 5.95
CA LEU A 65 -2.37 20.70 5.62
C LEU A 65 -3.20 21.94 5.99
N LEU A 66 -3.02 22.40 7.22
CA LEU A 66 -3.79 23.54 7.68
C LEU A 66 -3.50 24.77 6.82
N ALA A 67 -2.24 24.95 6.43
CA ALA A 67 -1.85 26.11 5.61
C ALA A 67 -2.48 25.97 4.24
N TRP A 68 -2.50 24.74 3.71
CA TRP A 68 -3.09 24.53 2.41
C TRP A 68 -4.61 24.82 2.41
N VAL A 69 -5.31 24.31 3.42
CA VAL A 69 -6.74 24.50 3.57
C VAL A 69 -7.06 26.00 3.64
N ASN A 70 -6.24 26.73 4.38
CA ASN A 70 -6.43 28.21 4.49
C ASN A 70 -6.35 28.89 3.11
N ASN A 71 -5.49 28.41 2.24
CA ASN A 71 -5.45 28.92 0.88
C ASN A 71 -6.65 28.48 0.06
N TRP A 72 -6.98 27.19 0.08
CA TRP A 72 -8.07 26.66 -0.72
C TRP A 72 -9.40 27.33 -0.43
N LEU A 73 -9.60 27.71 0.82
CA LEU A 73 -10.83 28.39 1.23
C LEU A 73 -11.04 29.69 0.44
N ALA A 74 -9.95 30.30 -0.02
CA ALA A 74 -10.06 31.54 -0.79
C ALA A 74 -10.16 31.29 -2.29
N GLY A 75 -9.76 30.11 -2.75
CA GLY A 75 -9.82 29.77 -4.14
C GLY A 75 -8.75 28.74 -4.48
N ASP A 76 -8.74 28.28 -5.71
CA ASP A 76 -7.87 27.17 -6.11
C ASP A 76 -6.43 27.55 -5.96
N CYS A 77 -5.61 26.59 -5.57
CA CYS A 77 -4.21 26.87 -5.33
C CYS A 77 -3.39 25.63 -5.74
N GLU A 78 -2.09 25.78 -5.68
CA GLU A 78 -1.20 24.68 -5.98
C GLU A 78 -1.31 23.60 -4.91
N LEU A 79 -1.16 22.34 -5.32
CA LEU A 79 -1.17 21.24 -4.38
C LEU A 79 0.04 21.32 -3.46
N PRO A 80 -0.06 20.72 -2.27
CA PRO A 80 1.10 20.52 -1.45
C PRO A 80 2.07 19.58 -2.14
N GLN A 81 3.35 19.76 -1.87
CA GLN A 81 4.39 18.81 -2.28
C GLN A 81 4.69 17.72 -1.28
N MET A 82 4.45 17.97 0.02
CA MET A 82 4.66 16.97 1.07
C MET A 82 3.75 15.77 0.77
N PRO A 83 4.29 14.57 0.58
CA PRO A 83 3.51 13.52 -0.09
C PRO A 83 2.23 13.08 0.62
N SER A 84 2.23 12.92 1.93
CA SER A 84 0.99 12.51 2.62
C SER A 84 -0.11 13.54 2.46
N VAL A 85 0.26 14.81 2.51
CA VAL A 85 -0.70 15.88 2.40
C VAL A 85 -1.22 15.98 0.98
N ALA A 86 -0.33 15.85 0.01
CA ALA A 86 -0.71 15.86 -1.40
C ALA A 86 -1.70 14.74 -1.68
N PHE A 87 -1.41 13.57 -1.14
CA PHE A 87 -2.32 12.46 -1.36
C PHE A 87 -3.70 12.76 -0.80
N GLY A 88 -3.78 13.12 0.46
CA GLY A 88 -5.07 13.33 1.08
C GLY A 88 -5.88 14.49 0.48
N VAL A 89 -5.21 15.62 0.24
CA VAL A 89 -5.88 16.77 -0.36
C VAL A 89 -6.35 16.43 -1.79
N SER A 90 -5.50 15.76 -2.58
CA SER A 90 -5.90 15.49 -3.95
C SER A 90 -7.08 14.51 -3.98
N CYS A 91 -7.15 13.61 -3.02
CA CYS A 91 -8.28 12.69 -2.94
C CYS A 91 -9.56 13.46 -2.62
N ALA A 92 -9.44 14.39 -1.67
CA ALA A 92 -10.60 15.19 -1.27
C ALA A 92 -11.10 16.00 -2.46
N LEU A 93 -10.19 16.62 -3.20
CA LEU A 93 -10.55 17.37 -4.42
C LEU A 93 -11.22 16.49 -5.46
N ALA A 94 -10.73 15.28 -5.63
CA ALA A 94 -11.29 14.36 -6.60
C ALA A 94 -12.71 13.97 -6.17
N GLU A 95 -12.93 13.70 -4.90
CA GLU A 95 -14.29 13.44 -4.43
C GLU A 95 -15.23 14.62 -4.65
N LEU A 96 -14.71 15.83 -4.44
CA LEU A 96 -15.50 17.05 -4.58
C LEU A 96 -16.06 17.19 -5.97
N THR A 97 -15.23 16.85 -6.94
CA THR A 97 -15.63 16.93 -8.34
C THR A 97 -16.22 15.62 -8.89
N ASP A 98 -16.37 14.61 -8.05
CA ASP A 98 -16.88 13.29 -8.43
C ASP A 98 -16.03 12.60 -9.49
N THR A 99 -14.71 12.82 -9.44
CA THR A 99 -13.74 12.23 -10.36
C THR A 99 -12.90 11.08 -9.80
N LEU A 100 -13.11 10.72 -8.54
CA LEU A 100 -12.56 9.43 -8.01
C LEU A 100 -13.66 8.41 -8.09
N PRO A 101 -13.57 7.44 -9.00
CA PRO A 101 -14.72 6.58 -9.24
C PRO A 101 -15.17 5.75 -8.04
N GLN A 102 -16.46 5.46 -7.99
CA GLN A 102 -16.95 4.41 -7.08
C GLN A 102 -16.52 3.05 -7.59
N ALA A 103 -16.48 2.09 -6.68
CA ALA A 103 -16.04 0.75 -6.99
C ALA A 103 -17.05 -0.27 -6.50
N ALA A 104 -17.18 -1.32 -7.30
CA ALA A 104 -17.91 -2.54 -6.89
C ALA A 104 -17.09 -3.26 -5.87
N ASN A 105 -15.83 -3.50 -6.18
CA ASN A 105 -15.03 -4.40 -5.38
C ASN A 105 -14.05 -3.63 -4.48
N TYR A 106 -13.98 -4.06 -3.24
CA TYR A 106 -13.06 -3.61 -2.21
C TYR A 106 -12.18 -4.81 -1.90
N ARG A 107 -11.07 -4.90 -2.63
CA ARG A 107 -10.24 -6.14 -2.70
C ARG A 107 -8.92 -5.92 -1.97
N ALA A 108 -8.34 -7.01 -1.48
CA ALA A 108 -6.99 -6.98 -0.89
C ALA A 108 -6.38 -8.37 -0.95
N ALA A 109 -5.13 -8.44 -1.40
CA ALA A 109 -4.36 -9.65 -1.31
C ALA A 109 -4.13 -10.00 0.14
N PRO A 110 -4.50 -11.21 0.59
CA PRO A 110 -4.32 -11.52 2.01
C PRO A 110 -2.86 -11.53 2.40
N LEU A 111 -2.55 -10.88 3.53
CA LEU A 111 -1.22 -10.80 4.06
C LEU A 111 -1.16 -11.89 5.11
N CYS A 112 -0.33 -12.89 4.85
CA CYS A 112 -0.37 -14.13 5.59
C CYS A 112 0.94 -14.41 6.33
N ASN A 113 0.79 -15.08 7.47
CA ASN A 113 1.93 -15.57 8.24
C ASN A 113 1.60 -16.88 8.97
N GLY A 114 2.57 -17.39 9.71
CA GLY A 114 2.29 -18.47 10.65
C GLY A 114 2.61 -19.83 10.12
N ASP A 115 2.01 -20.85 10.72
CA ASP A 115 2.31 -22.23 10.39
C ASP A 115 2.03 -22.45 8.92
N PRO A 116 3.01 -22.98 8.18
CA PRO A 116 2.82 -23.22 6.75
C PRO A 116 1.64 -24.13 6.41
N ASP A 117 1.46 -25.25 7.09
CA ASP A 117 0.35 -26.12 6.83
C ASP A 117 -0.99 -25.46 7.04
N ASP A 118 -1.09 -24.64 8.10
CA ASP A 118 -2.36 -23.94 8.39
C ASP A 118 -2.67 -22.95 7.28
N LEU A 119 -1.63 -22.37 6.73
CA LEU A 119 -1.79 -21.39 5.64
C LEU A 119 -2.22 -22.13 4.40
N ILE A 120 -1.63 -23.29 4.19
CA ILE A 120 -2.08 -24.10 3.02
C ILE A 120 -3.59 -24.30 3.09
N LEU A 121 -4.09 -24.72 4.25
CA LEU A 121 -5.52 -25.00 4.39
C LEU A 121 -6.35 -23.77 4.06
N LYS A 122 -5.90 -22.61 4.54
CA LYS A 122 -6.58 -21.34 4.34
C LYS A 122 -6.62 -20.95 2.88
N LEU A 123 -5.47 -21.01 2.23
CA LEU A 123 -5.39 -20.63 0.83
C LEU A 123 -6.14 -21.58 -0.09
N ALA A 124 -6.24 -22.86 0.27
CA ALA A 124 -6.95 -23.81 -0.61
C ALA A 124 -8.45 -23.51 -0.67
N ASP A 125 -8.97 -22.94 0.41
CA ASP A 125 -10.38 -22.56 0.51
C ASP A 125 -10.67 -21.15 -0.06
N MET A 126 -9.72 -20.55 -0.77
CA MET A 126 -9.91 -19.20 -1.31
C MET A 126 -10.72 -19.31 -2.59
N PRO A 127 -11.76 -18.49 -2.72
CA PRO A 127 -12.46 -18.35 -4.00
C PRO A 127 -11.76 -17.32 -4.91
N GLY A 128 -11.89 -17.53 -6.22
CA GLY A 128 -11.36 -16.62 -7.21
C GLY A 128 -9.87 -16.86 -7.44
N GLU A 129 -9.19 -15.90 -8.06
CA GLU A 129 -7.77 -16.11 -8.33
C GLU A 129 -7.01 -16.06 -6.99
N LYS A 130 -6.12 -17.02 -6.76
CA LYS A 130 -5.45 -17.17 -5.47
C LYS A 130 -4.13 -16.42 -5.51
N VAL A 131 -4.13 -15.26 -4.88
CA VAL A 131 -2.95 -14.41 -4.71
C VAL A 131 -2.84 -14.17 -3.20
N ALA A 132 -1.66 -14.29 -2.63
CA ALA A 132 -1.43 -13.99 -1.21
C ALA A 132 -0.05 -13.38 -1.09
N LYS A 133 0.17 -12.58 -0.04
CA LYS A 133 1.47 -11.99 0.22
C LYS A 133 2.06 -12.51 1.53
N VAL A 134 3.34 -12.85 1.48
CA VAL A 134 4.06 -13.45 2.58
C VAL A 134 5.38 -12.68 2.71
N ARG A 135 5.73 -12.34 3.94
CA ARG A 135 7.01 -11.75 4.20
C ARG A 135 8.12 -12.81 4.26
N VAL A 136 9.28 -12.48 3.71
CA VAL A 136 10.48 -13.31 3.80
C VAL A 136 11.57 -12.42 4.38
N GLY A 137 12.68 -13.04 4.73
CA GLY A 137 13.82 -12.29 5.23
C GLY A 137 13.82 -12.11 6.72
N LEU A 138 12.96 -12.79 7.47
CA LEU A 138 12.95 -12.75 8.94
C LEU A 138 13.62 -14.00 9.46
N TYR A 139 13.08 -15.13 9.03
CA TYR A 139 13.79 -16.41 9.12
C TYR A 139 15.01 -16.43 8.22
N GLU A 140 15.81 -17.49 8.33
CA GLU A 140 16.90 -17.69 7.40
C GLU A 140 16.41 -18.11 6.00
N ALA A 141 17.25 -17.93 5.02
CA ALA A 141 16.86 -18.07 3.62
C ALA A 141 16.39 -19.51 3.27
N VAL A 142 17.05 -20.52 3.81
CA VAL A 142 16.67 -21.90 3.57
C VAL A 142 15.24 -22.17 3.98
N ARG A 143 14.87 -21.73 5.20
CA ARG A 143 13.52 -21.90 5.72
C ARG A 143 12.55 -21.20 4.80
N ASP A 144 12.86 -19.95 4.46
CA ASP A 144 11.97 -19.22 3.54
C ASP A 144 11.75 -19.94 2.21
N GLY A 145 12.82 -20.42 1.57
CA GLY A 145 12.69 -21.13 0.30
C GLY A 145 11.91 -22.42 0.44
N MET A 146 12.17 -23.18 1.50
CA MET A 146 11.45 -24.42 1.73
C MET A 146 9.95 -24.18 1.91
N VAL A 147 9.59 -23.16 2.68
CA VAL A 147 8.19 -22.85 2.93
C VAL A 147 7.49 -22.34 1.69
N VAL A 148 8.12 -21.44 0.96
CA VAL A 148 7.55 -20.98 -0.33
C VAL A 148 7.34 -22.20 -1.24
N ASN A 149 8.30 -23.11 -1.29
CA ASN A 149 8.16 -24.27 -2.15
C ASN A 149 6.98 -25.14 -1.74
N LEU A 150 6.83 -25.31 -0.42
CA LEU A 150 5.72 -26.10 0.12
C LEU A 150 4.36 -25.52 -0.28
N LEU A 151 4.24 -24.21 -0.18
CA LEU A 151 3.00 -23.53 -0.51
C LEU A 151 2.67 -23.65 -1.98
N LEU A 152 3.66 -23.41 -2.82
CA LEU A 152 3.43 -23.46 -4.24
C LEU A 152 3.15 -24.88 -4.74
N GLU A 153 3.79 -25.88 -4.14
CA GLU A 153 3.55 -27.27 -4.51
C GLU A 153 2.18 -27.72 -4.06
N ALA A 154 1.74 -27.20 -2.91
CA ALA A 154 0.42 -27.57 -2.37
C ALA A 154 -0.77 -27.08 -3.17
N ILE A 155 -0.66 -25.88 -3.73
CA ILE A 155 -1.77 -25.17 -4.37
C ILE A 155 -1.31 -24.76 -5.77
N PRO A 156 -1.59 -25.59 -6.78
CA PRO A 156 -1.09 -25.33 -8.14
C PRO A 156 -1.48 -24.02 -8.78
N ASP A 157 -2.57 -23.42 -8.35
CA ASP A 157 -3.01 -22.15 -8.88
C ASP A 157 -2.75 -20.97 -7.96
N LEU A 158 -1.91 -21.18 -6.96
CA LEU A 158 -1.48 -20.08 -6.08
C LEU A 158 -0.38 -19.25 -6.72
N HIS A 159 -0.50 -17.95 -6.57
CA HIS A 159 0.53 -17.02 -6.96
C HIS A 159 0.89 -16.22 -5.72
N LEU A 160 2.16 -16.24 -5.38
CA LEU A 160 2.63 -15.59 -4.15
C LEU A 160 3.36 -14.33 -4.46
N ARG A 161 3.04 -13.28 -3.70
CA ARG A 161 3.85 -12.08 -3.62
C ARG A 161 4.66 -12.20 -2.36
N LEU A 162 5.94 -11.92 -2.46
CA LEU A 162 6.87 -12.04 -1.34
C LEU A 162 7.48 -10.69 -1.13
N ASP A 163 7.99 -10.43 0.07
CA ASP A 163 8.63 -9.16 0.36
C ASP A 163 9.74 -9.43 1.36
N ALA A 164 10.98 -9.18 0.91
CA ALA A 164 12.18 -9.28 1.75
C ALA A 164 12.60 -7.95 2.38
N ASN A 165 12.00 -6.85 1.95
CA ASN A 165 12.35 -5.51 2.53
C ASN A 165 13.88 -5.33 2.58
N ARG A 166 14.51 -5.62 1.46
CA ARG A 166 15.96 -5.47 1.25
C ARG A 166 16.80 -6.23 2.28
N ALA A 167 16.34 -7.39 2.71
CA ALA A 167 17.08 -8.14 3.73
C ALA A 167 18.36 -8.81 3.27
N TRP A 168 18.43 -9.23 2.01
CA TRP A 168 19.40 -10.26 1.62
C TRP A 168 20.66 -9.76 0.93
N THR A 169 21.76 -10.50 1.15
CA THR A 169 22.92 -10.45 0.28
C THR A 169 22.65 -11.31 -0.94
N PRO A 170 23.45 -11.20 -1.98
CA PRO A 170 23.36 -12.15 -3.09
C PRO A 170 23.37 -13.61 -2.62
N LEU A 171 24.22 -13.97 -1.66
CA LEU A 171 24.27 -15.36 -1.25
C LEU A 171 22.95 -15.79 -0.58
N LYS A 172 22.35 -14.94 0.24
CA LYS A 172 21.11 -15.30 0.91
C LYS A 172 20.02 -15.46 -0.15
N GLY A 173 20.00 -14.61 -1.17
CA GLY A 173 19.03 -14.73 -2.27
C GLY A 173 19.16 -16.05 -2.99
N GLN A 174 20.40 -16.50 -3.16
CA GLN A 174 20.68 -17.78 -3.77
C GLN A 174 20.23 -18.95 -2.91
N GLN A 175 20.46 -18.89 -1.62
CA GLN A 175 20.08 -19.93 -0.68
C GLN A 175 18.57 -20.03 -0.69
N PHE A 176 17.90 -18.90 -0.75
CA PHE A 176 16.44 -18.93 -0.86
C PHE A 176 15.99 -19.65 -2.14
N ALA A 177 16.47 -19.18 -3.29
CA ALA A 177 16.01 -19.63 -4.61
C ALA A 177 16.24 -21.12 -4.80
N LYS A 178 17.37 -21.58 -4.26
CA LYS A 178 17.77 -22.99 -4.47
C LYS A 178 16.68 -23.97 -3.99
N TYR A 179 15.94 -23.55 -2.98
CA TYR A 179 14.88 -24.39 -2.36
C TYR A 179 13.52 -24.26 -3.02
N VAL A 180 13.40 -23.33 -3.96
CA VAL A 180 12.18 -23.19 -4.75
C VAL A 180 12.32 -23.90 -6.09
N ASN A 181 11.52 -24.94 -6.27
CA ASN A 181 11.49 -25.71 -7.50
C ASN A 181 11.39 -24.80 -8.70
N PRO A 182 12.31 -24.89 -9.64
CA PRO A 182 12.26 -23.98 -10.80
C PRO A 182 10.95 -24.02 -11.58
N ASP A 183 10.24 -25.14 -11.52
CA ASP A 183 8.97 -25.30 -12.22
C ASP A 183 7.83 -24.51 -11.56
N TYR A 184 8.05 -24.04 -10.33
CA TYR A 184 7.09 -23.22 -9.59
C TYR A 184 7.49 -21.75 -9.48
N ARG A 185 8.69 -21.42 -9.87
CA ARG A 185 9.22 -20.04 -9.63
C ARG A 185 8.37 -18.99 -10.35
N ASP A 186 7.75 -19.36 -11.48
CA ASP A 186 6.88 -18.47 -12.23
C ASP A 186 5.66 -18.04 -11.44
N ARG A 187 5.29 -18.80 -10.41
CA ARG A 187 4.15 -18.48 -9.59
C ARG A 187 4.53 -17.68 -8.36
N ILE A 188 5.80 -17.26 -8.24
CA ILE A 188 6.13 -16.10 -7.43
C ILE A 188 5.80 -14.91 -8.32
N ALA A 189 4.64 -14.27 -8.06
CA ALA A 189 4.21 -13.15 -8.91
C ALA A 189 5.25 -12.06 -8.87
N PHE A 190 5.79 -11.81 -7.71
CA PHE A 190 6.95 -10.95 -7.59
C PHE A 190 7.51 -11.08 -6.19
N LEU A 191 8.80 -10.80 -6.07
CA LEU A 191 9.48 -10.71 -4.80
C LEU A 191 9.95 -9.26 -4.66
N GLU A 192 9.34 -8.53 -3.74
CA GLU A 192 9.68 -7.13 -3.49
C GLU A 192 11.04 -7.02 -2.83
N GLU A 193 11.90 -6.22 -3.45
CA GLU A 193 13.15 -5.75 -2.85
C GLU A 193 13.97 -6.86 -2.18
N PRO A 194 14.36 -7.87 -2.94
CA PRO A 194 15.06 -9.00 -2.30
C PRO A 194 16.32 -8.60 -1.55
N CYS A 195 17.11 -7.69 -2.12
CA CYS A 195 18.47 -7.50 -1.67
C CYS A 195 18.72 -6.11 -1.14
N LYS A 196 19.82 -5.96 -0.41
CA LYS A 196 20.21 -4.70 0.21
C LYS A 196 20.44 -3.60 -0.81
N THR A 197 20.98 -3.92 -1.99
CA THR A 197 21.08 -2.97 -3.09
C THR A 197 20.24 -3.34 -4.29
N ARG A 198 19.84 -2.34 -5.05
CA ARG A 198 19.05 -2.57 -6.22
C ARG A 198 19.82 -3.37 -7.31
N ASP A 199 21.12 -3.13 -7.45
CA ASP A 199 21.90 -3.89 -8.40
C ASP A 199 21.90 -5.39 -8.04
N ASP A 200 22.03 -5.67 -6.77
CA ASP A 200 22.01 -7.07 -6.27
C ASP A 200 20.63 -7.65 -6.50
N SER A 201 19.58 -6.85 -6.31
CA SER A 201 18.23 -7.36 -6.60
C SER A 201 18.05 -7.66 -8.06
N ARG A 202 18.55 -6.80 -8.97
CA ARG A 202 18.44 -7.01 -10.40
C ARG A 202 19.19 -8.28 -10.79
N ALA A 203 20.35 -8.49 -10.22
CA ALA A 203 21.14 -9.71 -10.50
C ALA A 203 20.39 -10.95 -9.99
N PHE A 204 19.80 -10.85 -8.79
CA PHE A 204 18.97 -11.94 -8.25
C PHE A 204 17.90 -12.30 -9.28
N ALA A 205 17.17 -11.30 -9.78
CA ALA A 205 16.10 -11.56 -10.74
C ALA A 205 16.61 -12.22 -11.99
N ARG A 206 17.72 -11.70 -12.54
CA ARG A 206 18.23 -12.21 -13.81
C ARG A 206 18.79 -13.61 -13.66
N GLU A 207 19.41 -13.87 -12.52
CA GLU A 207 20.17 -15.11 -12.32
C GLU A 207 19.26 -16.25 -11.86
N THR A 208 18.25 -15.96 -11.03
CA THR A 208 17.31 -17.00 -10.53
C THR A 208 16.02 -17.20 -11.32
N GLY A 209 15.65 -16.23 -12.15
CA GLY A 209 14.43 -16.31 -12.90
C GLY A 209 13.23 -15.90 -12.09
N ILE A 210 13.44 -15.49 -10.85
CA ILE A 210 12.32 -15.12 -9.97
C ILE A 210 12.07 -13.63 -10.16
N ALA A 211 10.83 -13.29 -10.44
CA ALA A 211 10.45 -11.90 -10.73
C ALA A 211 10.57 -11.07 -9.49
N ILE A 212 11.06 -9.85 -9.64
CA ILE A 212 11.12 -8.93 -8.53
C ILE A 212 10.20 -7.73 -8.73
N ALA A 213 9.96 -7.03 -7.65
CA ALA A 213 9.24 -5.76 -7.69
C ALA A 213 10.01 -4.72 -6.93
N TRP A 214 9.82 -3.47 -7.32
CA TRP A 214 10.34 -2.38 -6.54
C TRP A 214 9.23 -1.80 -5.67
N ASP A 215 9.58 -1.39 -4.46
CA ASP A 215 8.67 -0.80 -3.50
C ASP A 215 9.36 0.46 -2.93
N GLU A 216 10.15 0.30 -1.87
CA GLU A 216 10.98 1.38 -1.29
C GLU A 216 11.74 2.18 -2.36
N SER A 217 12.21 1.50 -3.39
CA SER A 217 12.99 2.14 -4.44
C SER A 217 12.27 3.31 -5.13
N LEU A 218 10.94 3.21 -5.23
CA LEU A 218 10.13 4.19 -5.97
C LEU A 218 10.23 5.56 -5.30
N ARG A 219 10.51 5.60 -4.00
CA ARG A 219 10.52 6.88 -3.26
C ARG A 219 11.92 7.44 -3.12
N GLU A 220 12.90 6.72 -3.61
CA GLU A 220 14.29 7.17 -3.54
C GLU A 220 14.51 8.23 -4.60
N PRO A 221 15.39 9.19 -4.29
CA PRO A 221 15.83 10.12 -5.31
C PRO A 221 16.42 9.35 -6.48
N ASP A 222 16.03 9.89 -7.62
CA ASP A 222 16.47 9.49 -8.92
C ASP A 222 15.86 8.19 -9.44
N PHE A 223 14.89 7.62 -8.74
CA PHE A 223 14.21 6.48 -9.32
C PHE A 223 13.62 6.83 -10.68
N ALA A 224 13.76 5.92 -11.61
CA ALA A 224 13.11 6.02 -12.90
C ALA A 224 12.41 4.71 -13.24
N PHE A 225 11.23 4.82 -13.85
CA PHE A 225 10.56 3.61 -14.32
C PHE A 225 11.34 2.98 -15.56
N VAL A 226 11.70 1.70 -15.48
CA VAL A 226 12.57 0.97 -16.46
C VAL A 226 12.13 -0.45 -16.67
N ALA A 227 12.02 -0.85 -17.95
CA ALA A 227 11.78 -2.24 -18.28
C ALA A 227 13.15 -2.89 -18.29
N GLU A 228 13.30 -3.96 -17.52
CA GLU A 228 14.56 -4.70 -17.44
C GLU A 228 14.28 -6.14 -17.05
N GLU A 229 15.10 -7.05 -17.56
CA GLU A 229 14.84 -8.47 -17.40
C GLU A 229 14.71 -8.68 -15.90
N GLY A 230 13.66 -9.38 -15.51
CA GLY A 230 13.54 -9.77 -14.14
C GLY A 230 12.65 -8.86 -13.33
N VAL A 231 12.44 -7.60 -13.72
CA VAL A 231 11.55 -6.73 -12.93
C VAL A 231 10.16 -6.83 -13.54
N ARG A 232 9.21 -7.29 -12.75
CA ARG A 232 7.90 -7.50 -13.26
C ARG A 232 6.84 -6.59 -12.67
N ALA A 233 7.15 -5.88 -11.59
CA ALA A 233 6.11 -5.11 -10.93
C ALA A 233 6.69 -3.97 -10.13
N VAL A 234 5.82 -3.00 -9.86
CA VAL A 234 6.13 -1.91 -8.96
C VAL A 234 5.00 -1.77 -7.93
N VAL A 235 5.36 -1.42 -6.71
CA VAL A 235 4.42 -1.28 -5.60
C VAL A 235 4.33 0.20 -5.25
N ILE A 236 3.15 0.76 -5.49
CA ILE A 236 2.91 2.21 -5.38
C ILE A 236 2.07 2.40 -4.13
N LYS A 237 2.66 3.03 -3.14
CA LYS A 237 2.01 3.39 -1.86
C LYS A 237 1.69 4.88 -1.86
N PRO A 238 0.45 5.22 -2.20
CA PRO A 238 0.13 6.62 -2.40
C PRO A 238 0.45 7.57 -1.27
N THR A 239 0.23 7.19 -0.02
CA THR A 239 0.56 8.08 1.09
C THR A 239 2.02 8.46 1.08
N LEU A 240 2.89 7.56 0.61
CA LEU A 240 4.35 7.85 0.55
C LEU A 240 4.82 8.49 -0.75
N THR A 241 3.90 8.65 -1.69
CA THR A 241 4.15 9.00 -3.08
C THR A 241 3.77 10.46 -3.37
N GLY A 242 2.53 10.80 -3.11
CA GLY A 242 2.02 12.13 -3.41
C GLY A 242 0.62 12.14 -3.93
N SER A 243 0.37 13.05 -4.86
CA SER A 243 -0.98 13.29 -5.33
C SER A 243 -1.56 12.09 -6.05
N LEU A 244 -2.88 12.02 -6.07
CA LEU A 244 -3.58 11.07 -6.90
C LEU A 244 -3.12 11.13 -8.36
N GLU A 245 -2.85 12.33 -8.87
CA GLU A 245 -2.41 12.45 -10.26
C GLU A 245 -1.00 11.86 -10.46
N LYS A 246 -0.10 12.07 -9.48
CA LYS A 246 1.22 11.47 -9.55
C LYS A 246 1.11 9.94 -9.50
N VAL A 247 0.24 9.44 -8.63
CA VAL A 247 -0.02 7.98 -8.56
C VAL A 247 -0.49 7.42 -9.91
N ARG A 248 -1.40 8.14 -10.53
CA ARG A 248 -1.93 7.80 -11.83
C ARG A 248 -0.82 7.80 -12.89
N GLU A 249 0.07 8.79 -12.82
CA GLU A 249 1.20 8.86 -13.72
C GLU A 249 2.12 7.65 -13.55
N GLN A 250 2.30 7.19 -12.31
CA GLN A 250 3.17 6.05 -12.03
C GLN A 250 2.54 4.76 -12.55
N VAL A 251 1.24 4.58 -12.32
CA VAL A 251 0.55 3.41 -12.89
C VAL A 251 0.70 3.37 -14.40
N GLN A 252 0.49 4.51 -15.01
CA GLN A 252 0.59 4.67 -16.44
C GLN A 252 2.02 4.33 -16.93
N ALA A 253 3.02 4.74 -16.15
CA ALA A 253 4.41 4.50 -16.52
C ALA A 253 4.70 3.02 -16.45
N ALA A 254 4.23 2.39 -15.38
CA ALA A 254 4.38 0.95 -15.18
C ALA A 254 3.73 0.17 -16.32
N HIS A 255 2.51 0.54 -16.68
CA HIS A 255 1.76 -0.18 -17.69
C HIS A 255 2.42 0.02 -19.06
N ALA A 256 2.93 1.20 -19.33
CA ALA A 256 3.60 1.47 -20.63
C ALA A 256 4.80 0.57 -20.83
N LEU A 257 5.41 0.19 -19.72
CA LEU A 257 6.58 -0.68 -19.71
C LEU A 257 6.26 -2.18 -19.54
N GLY A 258 4.97 -2.53 -19.55
CA GLY A 258 4.52 -3.89 -19.37
C GLY A 258 4.68 -4.45 -17.97
N LEU A 259 4.75 -3.56 -16.98
CA LEU A 259 4.95 -3.90 -15.57
C LEU A 259 3.59 -3.89 -14.91
N THR A 260 3.41 -4.75 -13.93
CA THR A 260 2.26 -4.72 -13.02
C THR A 260 2.45 -3.58 -12.04
N ALA A 261 1.40 -2.80 -11.80
CA ALA A 261 1.40 -1.74 -10.78
C ALA A 261 0.45 -2.18 -9.72
N VAL A 262 0.94 -2.28 -8.49
CA VAL A 262 0.12 -2.71 -7.35
C VAL A 262 -0.11 -1.48 -6.47
N ILE A 263 -1.34 -1.13 -6.16
CA ILE A 263 -1.62 -0.06 -5.21
C ILE A 263 -1.58 -0.72 -3.85
N SER A 264 -0.82 -0.12 -2.95
CA SER A 264 -0.51 -0.72 -1.66
C SER A 264 -0.67 0.22 -0.50
N SER A 265 -0.92 -0.37 0.67
CA SER A 265 -1.24 0.28 1.91
C SER A 265 -0.02 0.83 2.60
N SER A 266 -0.19 2.00 3.21
CA SER A 266 0.74 2.59 4.15
C SER A 266 0.16 2.59 5.58
N ILE A 267 -0.68 1.60 5.86
CA ILE A 267 -1.38 1.45 7.12
C ILE A 267 -2.32 2.60 7.38
N GLU A 268 -3.02 3.02 6.34
CA GLU A 268 -4.03 4.05 6.51
C GLU A 268 -5.20 3.51 7.35
N SER A 269 -5.95 4.43 7.90
CA SER A 269 -7.26 4.12 8.45
C SER A 269 -8.22 3.61 7.37
N SER A 270 -9.36 3.09 7.78
CA SER A 270 -10.35 2.58 6.84
C SER A 270 -10.71 3.59 5.75
N LEU A 271 -10.74 4.88 6.10
CA LEU A 271 -11.08 5.92 5.12
C LEU A 271 -10.09 5.89 3.96
N GLY A 272 -8.81 6.08 4.25
CA GLY A 272 -7.80 6.05 3.22
C GLY A 272 -7.76 4.70 2.52
N LEU A 273 -7.93 3.61 3.24
CA LEU A 273 -7.89 2.28 2.63
C LEU A 273 -9.01 2.10 1.57
N THR A 274 -10.23 2.56 1.88
CA THR A 274 -11.32 2.49 0.91
C THR A 274 -10.99 3.31 -0.33
N GLN A 275 -10.32 4.43 -0.15
CA GLN A 275 -9.95 5.25 -1.29
C GLN A 275 -8.90 4.54 -2.13
N LEU A 276 -7.94 3.88 -1.47
CA LEU A 276 -6.96 3.07 -2.19
C LEU A 276 -7.64 1.98 -2.97
N ALA A 277 -8.67 1.39 -2.40
CA ALA A 277 -9.41 0.35 -3.08
C ALA A 277 -10.08 0.86 -4.34
N ARG A 278 -10.58 2.09 -4.28
CA ARG A 278 -11.20 2.75 -5.42
C ARG A 278 -10.15 3.09 -6.48
N ILE A 279 -8.99 3.53 -6.04
CA ILE A 279 -7.93 3.85 -6.94
C ILE A 279 -7.50 2.60 -7.68
N ALA A 280 -7.37 1.50 -6.97
CA ALA A 280 -7.01 0.22 -7.56
C ALA A 280 -8.07 -0.29 -8.59
N ALA A 281 -9.34 -0.23 -8.21
CA ALA A 281 -10.38 -0.74 -9.10
C ALA A 281 -10.39 0.09 -10.40
N TRP A 282 -10.12 1.39 -10.26
CA TRP A 282 -10.09 2.32 -11.38
C TRP A 282 -8.85 2.15 -12.29
N LEU A 283 -7.67 2.31 -11.70
CA LEU A 283 -6.44 2.42 -12.42
C LEU A 283 -5.72 1.09 -12.67
N THR A 284 -5.98 0.11 -11.82
CA THR A 284 -5.33 -1.20 -11.91
C THR A 284 -6.41 -2.30 -11.80
N PRO A 285 -7.35 -2.28 -12.73
CA PRO A 285 -8.54 -3.13 -12.56
C PRO A 285 -8.25 -4.62 -12.52
N ASP A 286 -7.16 -5.07 -13.14
CA ASP A 286 -6.77 -6.48 -13.16
C ASP A 286 -5.69 -6.86 -12.17
N THR A 287 -5.38 -5.99 -11.20
CA THR A 287 -4.38 -6.27 -10.18
C THR A 287 -4.93 -6.10 -8.79
N ILE A 288 -5.04 -7.20 -8.05
CA ILE A 288 -5.53 -7.11 -6.66
C ILE A 288 -4.56 -6.24 -5.85
N PRO A 289 -5.08 -5.23 -5.14
CA PRO A 289 -4.19 -4.32 -4.42
C PRO A 289 -3.73 -4.87 -3.09
N GLY A 290 -2.62 -4.33 -2.59
CA GLY A 290 -2.06 -4.75 -1.34
C GLY A 290 -2.60 -3.97 -0.18
N LEU A 291 -3.85 -4.22 0.14
CA LEU A 291 -4.55 -3.42 1.14
C LEU A 291 -4.93 -4.14 2.42
N ASP A 292 -4.37 -5.34 2.66
CA ASP A 292 -4.84 -6.14 3.80
C ASP A 292 -4.16 -5.74 5.13
N THR A 293 -4.37 -4.49 5.59
CA THR A 293 -3.83 -3.98 6.84
C THR A 293 -4.89 -3.46 7.81
N LEU A 294 -6.14 -3.46 7.39
CA LEU A 294 -7.20 -2.96 8.28
C LEU A 294 -7.30 -3.83 9.54
N ASP A 295 -7.09 -5.13 9.39
CA ASP A 295 -7.22 -6.02 10.55
C ASP A 295 -6.06 -5.94 11.51
N LEU A 296 -5.08 -5.09 11.26
CA LEU A 296 -4.07 -4.70 12.24
C LEU A 296 -4.52 -3.63 13.24
N MET A 297 -5.69 -3.07 12.99
CA MET A 297 -6.21 -1.90 13.70
C MET A 297 -7.44 -2.25 14.51
N GLN A 298 -7.68 -1.50 15.59
CA GLN A 298 -8.78 -1.86 16.51
C GLN A 298 -10.12 -1.23 16.13
N ALA A 299 -10.09 -0.27 15.19
CA ALA A 299 -11.30 0.40 14.77
C ALA A 299 -11.13 0.97 13.37
N GLN A 300 -12.29 1.08 12.73
CA GLN A 300 -12.51 1.93 11.55
C GLN A 300 -12.90 3.31 11.95
N GLN A 301 -12.75 4.27 11.06
CA GLN A 301 -13.29 5.60 11.31
C GLN A 301 -13.89 6.19 10.06
N VAL A 302 -15.09 6.75 10.23
CA VAL A 302 -15.79 7.64 9.31
C VAL A 302 -16.36 6.88 8.15
N ARG A 303 -15.49 6.24 7.39
CA ARG A 303 -15.88 5.44 6.23
C ARG A 303 -15.59 3.98 6.45
N ARG A 304 -16.56 3.11 6.15
CA ARG A 304 -16.42 1.66 6.37
C ARG A 304 -15.80 0.95 5.18
N TRP A 305 -14.92 -0.02 5.48
CA TRP A 305 -14.56 -1.04 4.48
C TRP A 305 -15.65 -2.09 4.49
N PRO A 306 -16.31 -2.29 3.38
CA PRO A 306 -17.48 -3.17 3.36
C PRO A 306 -17.06 -4.56 3.75
N GLY A 307 -17.82 -5.10 4.69
CA GLY A 307 -17.57 -6.45 5.16
C GLY A 307 -16.81 -6.49 6.45
N SER A 308 -16.15 -5.41 6.84
CA SER A 308 -15.41 -5.39 8.08
C SER A 308 -16.35 -5.40 9.29
N THR A 309 -16.06 -6.19 10.31
CA THR A 309 -16.83 -6.14 11.56
C THR A 309 -16.19 -5.28 12.62
N LEU A 310 -15.12 -4.54 12.30
CA LEU A 310 -14.52 -3.65 13.29
C LEU A 310 -15.46 -2.51 13.64
N PRO A 311 -15.45 -2.05 14.89
CA PRO A 311 -16.28 -0.92 15.26
C PRO A 311 -15.88 0.33 14.54
N VAL A 312 -16.82 1.26 14.40
CA VAL A 312 -16.63 2.48 13.64
C VAL A 312 -16.69 3.68 14.57
N VAL A 313 -15.63 4.47 14.55
CA VAL A 313 -15.60 5.76 15.21
C VAL A 313 -16.20 6.80 14.24
N GLU A 314 -17.23 7.51 14.69
CA GLU A 314 -17.90 8.47 13.83
C GLU A 314 -17.21 9.85 13.91
N VAL A 315 -17.51 10.69 12.93
CA VAL A 315 -16.88 11.99 12.77
C VAL A 315 -17.01 12.83 14.05
N ASP A 316 -18.17 12.77 14.69
CA ASP A 316 -18.43 13.57 15.89
C ASP A 316 -17.50 13.24 17.10
N ALA A 317 -16.83 12.08 17.07
CA ALA A 317 -15.91 11.68 18.14
C ALA A 317 -14.43 12.07 17.91
N LEU A 318 -14.16 12.61 16.73
CA LEU A 318 -12.82 13.02 16.36
C LEU A 318 -12.55 14.44 16.78
N GLU A 319 -11.28 14.70 17.09
CA GLU A 319 -10.78 16.03 17.38
C GLU A 319 -10.77 16.93 16.15
N ARG A 320 -11.38 18.12 16.25
CA ARG A 320 -11.41 19.10 15.15
C ARG A 320 -10.39 20.22 15.39
N LEU A 321 -9.69 20.60 14.32
CA LEU A 321 -8.67 21.63 14.39
C LEU A 321 -9.15 22.99 13.85
N LEU A 322 -10.27 23.02 13.11
CA LEU A 322 -10.82 24.28 12.57
C LEU A 322 -12.22 24.66 13.08
#